data_6MTQ
#
_entry.id   6MTQ
#
_cell.length_a   44.206
_cell.length_b   70.257
_cell.length_c   212.152
_cell.angle_alpha   90.00
_cell.angle_beta   90.00
_cell.angle_gamma   90.00
#
_symmetry.space_group_name_H-M   'P 21 21 21'
#
loop_
_entity.id
_entity.type
_entity.pdbx_description
1 polymer 'Antibody VRC42.N1 Fab light chain'
2 polymer 'Antibody VRC42.N1 Fab heavy chain'
3 polymer 'VRC42 epitope T117-F scaffold'
4 water water
#
loop_
_entity_poly.entity_id
_entity_poly.type
_entity_poly.pdbx_seq_one_letter_code
_entity_poly.pdbx_strand_id
1 'polypeptide(L)'
;EIVLTQSPDTLSLSPGERATLSCRASQSVGSSYFAWYQQKPGQAPRLLIYGASTRATGIPGRFSGSGSGTDFTLAITRVE
PEDFAVYYCQQFDKSHVTFGQGTKVEFKRTVAAPSVFIFPPSDEQLKSGTASVVCLLNNFYPREAKVQWKVDNALQSGNS
QESVTEQDSKDSTYSLSSTLTLSKADYEKHKVYACEVTHQGLSSPVTKSFNRGEC
;
L
2 'polypeptide(L)'
;QVQLMQSGAEVKRPGSSVKVSCKSSGGSFSDYTLSWVRQAPGQGLQWMGSIVPLLNLVNYAQRFQGRVTITADKSTSTAY
MELRTLRPQDTAVYYCAREGAEGWGWFAKPVGALGVWGQGTTVTVSSASTKGPSVFPLAPSSKSTSGGTAALGCLVKDYF
PEPVTVSWNSGALTSGVHTFPAVLQSSGLYSLSSVVTVPSSSLGTQTYICNVNHKPSNTKVDKKVEPK
;
H
3 'polypeptide(L)'
;QGIHFRRHYVRHLPKEVSQNDIIKALASPLINDGMVVSDFADHVITREQNFPTGLPVEPVGVAIPHTDSKYVRQNAISVG
ILAEPVNFEDAGGEPDPVPVRVVFMLALGNWFDITKWLWYIKAVIQDEDFMQQLLVMNDDEIYQSIYTRISELEVLFQGP
;
T
#
# COMPACT_ATOMS: atom_id res chain seq x y z
N GLU A 1 -11.37 6.11 -14.82
CA GLU A 1 -9.97 6.15 -14.45
C GLU A 1 -9.13 5.24 -15.34
N ILE A 2 -7.81 5.34 -15.19
CA ILE A 2 -6.89 4.51 -15.97
C ILE A 2 -6.73 3.16 -15.25
N VAL A 3 -7.15 2.09 -15.91
CA VAL A 3 -7.08 0.75 -15.34
C VAL A 3 -5.75 0.12 -15.73
N LEU A 4 -5.09 -0.52 -14.77
CA LEU A 4 -3.85 -1.23 -15.01
C LEU A 4 -4.08 -2.73 -14.84
N THR A 5 -3.72 -3.50 -15.85
CA THR A 5 -3.89 -4.95 -15.83
C THR A 5 -2.51 -5.59 -15.89
N GLN A 6 -2.16 -6.34 -14.84
CA GLN A 6 -0.88 -7.02 -14.78
C GLN A 6 -0.97 -8.42 -15.35
N SER A 7 0.17 -8.92 -15.83
CA SER A 7 0.24 -10.25 -16.42
C SER A 7 1.66 -10.81 -16.28
N PRO A 8 1.82 -12.07 -15.83
CA PRO A 8 0.73 -12.94 -15.39
C PRO A 8 0.37 -12.72 -13.93
N ASP A 9 -0.68 -13.42 -13.45
CA ASP A 9 -1.02 -13.32 -12.04
C ASP A 9 0.06 -13.94 -11.16
N THR A 10 0.56 -15.11 -11.54
CA THR A 10 1.66 -15.77 -10.86
C THR A 10 2.74 -16.13 -11.86
N LEU A 11 3.99 -15.93 -11.48
CA LEU A 11 5.14 -16.29 -12.31
C LEU A 11 5.97 -17.30 -11.53
N SER A 12 6.13 -18.48 -12.10
CA SER A 12 6.80 -19.60 -11.43
C SER A 12 8.13 -19.86 -12.14
N LEU A 13 9.23 -19.58 -11.44
CA LEU A 13 10.56 -19.77 -12.02
C LEU A 13 11.54 -20.11 -10.91
N SER A 14 12.66 -20.69 -11.31
CA SER A 14 13.75 -21.05 -10.42
C SER A 14 14.77 -19.93 -10.36
N PRO A 15 15.56 -19.86 -9.28
CA PRO A 15 16.54 -18.76 -9.15
C PRO A 15 17.61 -18.85 -10.23
N GLY A 16 17.74 -17.77 -10.99
CA GLY A 16 18.65 -17.70 -12.13
C GLY A 16 17.96 -17.42 -13.45
N GLU A 17 16.64 -17.65 -13.53
CA GLU A 17 15.90 -17.38 -14.75
C GLU A 17 15.62 -15.89 -14.88
N ARG A 18 15.22 -15.49 -16.08
CA ARG A 18 14.74 -14.14 -16.31
C ARG A 18 13.26 -14.04 -15.95
N ALA A 19 12.91 -12.96 -15.25
CA ALA A 19 11.53 -12.69 -14.88
C ALA A 19 11.07 -11.42 -15.60
N THR A 20 10.01 -11.55 -16.40
CA THR A 20 9.45 -10.42 -17.15
C THR A 20 7.99 -10.25 -16.74
N LEU A 21 7.67 -9.07 -16.20
CA LEU A 21 6.32 -8.74 -15.78
C LEU A 21 5.76 -7.65 -16.70
N SER A 22 4.52 -7.83 -17.14
CA SER A 22 3.88 -6.90 -18.05
C SER A 22 2.75 -6.17 -17.34
N CYS A 23 2.62 -4.88 -17.64
CA CYS A 23 1.53 -4.05 -17.13
C CYS A 23 0.93 -3.30 -18.32
N ARG A 24 -0.35 -3.53 -18.58
CA ARG A 24 -1.05 -2.90 -19.69
C ARG A 24 -2.04 -1.87 -19.15
N ALA A 25 -2.11 -0.73 -19.82
CA ALA A 25 -2.95 0.38 -19.40
C ALA A 25 -4.08 0.60 -20.39
N SER A 26 -5.25 0.99 -19.88
CA SER A 26 -6.40 1.27 -20.72
C SER A 26 -6.27 2.61 -21.46
N GLN A 27 -5.41 3.50 -20.97
CA GLN A 27 -5.11 4.76 -21.65
C GLN A 27 -3.61 4.99 -21.61
N SER A 28 -3.15 5.92 -22.44
CA SER A 28 -1.73 6.26 -22.45
C SER A 28 -1.34 6.94 -21.15
N VAL A 29 -0.23 6.49 -20.57
CA VAL A 29 0.33 7.06 -19.35
C VAL A 29 1.69 7.65 -19.69
N GLY A 30 1.96 8.87 -19.21
CA GLY A 30 3.27 9.44 -19.38
C GLY A 30 4.32 8.65 -18.62
N SER A 31 5.47 8.45 -19.26
CA SER A 31 6.53 7.64 -18.66
C SER A 31 6.97 8.20 -17.31
N SER A 32 6.92 9.53 -17.15
CA SER A 32 7.29 10.14 -15.88
C SER A 32 6.33 9.76 -14.76
N TYR A 33 5.15 9.23 -15.08
CA TYR A 33 4.11 8.96 -14.09
C TYR A 33 3.89 7.47 -13.86
N PHE A 34 4.86 6.63 -14.18
CA PHE A 34 4.73 5.20 -14.01
C PHE A 34 5.80 4.69 -13.04
N ALA A 35 5.42 3.71 -12.21
CA ALA A 35 6.33 3.20 -11.20
C ALA A 35 5.99 1.73 -10.90
N TRP A 36 7.02 1.00 -10.48
CA TRP A 36 6.89 -0.39 -10.05
C TRP A 36 7.22 -0.51 -8.57
N TYR A 37 6.55 -1.44 -7.89
CA TYR A 37 6.74 -1.65 -6.47
C TYR A 37 6.88 -3.13 -6.17
N GLN A 38 7.60 -3.43 -5.09
CA GLN A 38 7.81 -4.78 -4.59
C GLN A 38 7.30 -4.86 -3.17
N GLN A 39 6.60 -5.95 -2.84
CA GLN A 39 6.06 -6.15 -1.49
C GLN A 39 6.31 -7.58 -1.06
N LYS A 40 7.02 -7.75 0.04
CA LYS A 40 7.22 -9.05 0.67
C LYS A 40 6.19 -9.28 1.77
N PRO A 41 5.91 -10.53 2.11
CA PRO A 41 4.87 -10.81 3.11
C PRO A 41 5.17 -10.13 4.45
N GLY A 42 4.17 -9.41 4.96
CA GLY A 42 4.25 -8.75 6.23
C GLY A 42 4.83 -7.35 6.22
N GLN A 43 5.37 -6.90 5.10
CA GLN A 43 6.04 -5.62 5.02
C GLN A 43 5.30 -4.67 4.08
N ALA A 44 5.64 -3.39 4.19
CA ALA A 44 5.09 -2.38 3.31
C ALA A 44 5.70 -2.52 1.92
N PRO A 45 5.04 -1.99 0.90
CA PRO A 45 5.64 -1.99 -0.44
C PRO A 45 6.91 -1.16 -0.50
N ARG A 46 7.77 -1.48 -1.46
CA ARG A 46 9.04 -0.80 -1.65
C ARG A 46 9.14 -0.34 -3.09
N LEU A 47 9.57 0.90 -3.30
CA LEU A 47 9.72 1.44 -4.64
C LEU A 47 10.93 0.81 -5.32
N LEU A 48 10.70 0.23 -6.50
CA LEU A 48 11.76 -0.33 -7.33
C LEU A 48 12.13 0.58 -8.49
N ILE A 49 11.18 0.81 -9.39
CA ILE A 49 11.40 1.61 -10.59
C ILE A 49 10.44 2.79 -10.56
N TYR A 50 10.96 3.98 -10.83
CA TYR A 50 10.14 5.17 -11.03
C TYR A 50 10.48 5.77 -12.38
N GLY A 51 9.58 6.61 -12.88
CA GLY A 51 9.76 7.16 -14.21
C GLY A 51 9.83 6.10 -15.29
N ALA A 52 9.14 4.98 -15.08
CA ALA A 52 9.03 3.86 -16.03
C ALA A 52 10.33 3.09 -16.20
N SER A 53 11.49 3.73 -16.00
CA SER A 53 12.76 3.07 -16.30
C SER A 53 13.91 3.44 -15.37
N THR A 54 13.70 4.24 -14.34
CA THR A 54 14.77 4.65 -13.44
C THR A 54 14.70 3.83 -12.15
N ARG A 55 15.85 3.29 -11.75
CA ARG A 55 15.93 2.50 -10.52
C ARG A 55 15.97 3.42 -9.30
N ALA A 56 15.22 3.03 -8.27
CA ALA A 56 15.31 3.72 -6.99
C ALA A 56 16.66 3.41 -6.34
N THR A 57 17.07 4.29 -5.43
CA THR A 57 18.35 4.13 -4.76
C THR A 57 18.39 2.82 -3.98
N GLY A 58 19.51 2.10 -4.13
CA GLY A 58 19.67 0.82 -3.46
C GLY A 58 18.98 -0.35 -4.11
N ILE A 59 18.39 -0.16 -5.28
CA ILE A 59 17.78 -1.24 -6.04
C ILE A 59 18.86 -1.82 -6.96
N PRO A 60 19.14 -3.12 -6.89
CA PRO A 60 20.25 -3.69 -7.67
C PRO A 60 19.97 -3.65 -9.17
N GLY A 61 21.06 -3.71 -9.94
CA GLY A 61 21.03 -3.59 -11.38
C GLY A 61 20.25 -4.67 -12.10
N ARG A 62 19.93 -5.77 -11.43
CA ARG A 62 19.15 -6.83 -12.08
C ARG A 62 17.69 -6.44 -12.31
N PHE A 63 17.28 -5.25 -11.88
CA PHE A 63 15.93 -4.75 -12.12
C PHE A 63 15.99 -3.68 -13.19
N SER A 64 15.11 -3.79 -14.20
CA SER A 64 15.10 -2.83 -15.30
C SER A 64 13.67 -2.67 -15.79
N GLY A 65 13.18 -1.44 -15.79
CA GLY A 65 11.86 -1.12 -16.30
C GLY A 65 11.95 -0.52 -17.68
N SER A 66 10.87 -0.68 -18.46
CA SER A 66 10.83 -0.18 -19.82
C SER A 66 9.38 -0.06 -20.25
N GLY A 67 9.19 0.52 -21.43
CA GLY A 67 7.87 0.69 -22.02
C GLY A 67 7.38 2.12 -21.93
N SER A 68 6.32 2.38 -22.69
CA SER A 68 5.68 3.69 -22.74
C SER A 68 4.27 3.51 -23.29
N GLY A 69 3.55 4.62 -23.39
CA GLY A 69 2.18 4.58 -23.88
C GLY A 69 1.26 3.77 -22.99
N THR A 70 0.94 2.55 -23.42
CA THR A 70 0.06 1.67 -22.66
C THR A 70 0.70 0.35 -22.27
N ASP A 71 1.90 0.05 -22.73
CA ASP A 71 2.56 -1.22 -22.45
C ASP A 71 3.86 -0.94 -21.69
N PHE A 72 3.91 -1.39 -20.44
CA PHE A 72 5.10 -1.25 -19.61
C PHE A 72 5.57 -2.62 -19.14
N THR A 73 6.88 -2.75 -18.96
CA THR A 73 7.48 -4.04 -18.64
C THR A 73 8.54 -3.88 -17.56
N LEU A 74 8.52 -4.79 -16.60
CA LEU A 74 9.58 -4.91 -15.60
C LEU A 74 10.32 -6.23 -15.82
N ALA A 75 11.64 -6.16 -15.86
CA ALA A 75 12.48 -7.33 -16.10
C ALA A 75 13.41 -7.57 -14.92
N ILE A 76 13.61 -8.85 -14.59
CA ILE A 76 14.57 -9.27 -13.58
C ILE A 76 15.49 -10.28 -14.25
N THR A 77 16.77 -9.90 -14.41
CA THR A 77 17.68 -10.68 -15.24
C THR A 77 17.95 -12.05 -14.64
N ARG A 78 18.52 -12.09 -13.43
CA ARG A 78 18.79 -13.34 -12.73
C ARG A 78 18.08 -13.28 -11.38
N VAL A 79 16.94 -13.98 -11.29
CA VAL A 79 16.13 -13.93 -10.08
C VAL A 79 16.88 -14.57 -8.92
N GLU A 80 16.79 -13.95 -7.76
CA GLU A 80 17.45 -14.39 -6.54
C GLU A 80 16.40 -14.70 -5.48
N PRO A 81 16.77 -15.46 -4.44
CA PRO A 81 15.77 -15.83 -3.41
C PRO A 81 15.07 -14.64 -2.77
N GLU A 82 15.73 -13.50 -2.64
CA GLU A 82 15.12 -12.32 -2.05
C GLU A 82 14.32 -11.49 -3.05
N ASP A 83 14.27 -11.91 -4.31
CA ASP A 83 13.44 -11.24 -5.31
C ASP A 83 12.04 -11.82 -5.41
N PHE A 84 11.80 -12.98 -4.82
CA PHE A 84 10.49 -13.62 -4.87
C PHE A 84 9.53 -12.87 -3.96
N ALA A 85 8.53 -12.21 -4.57
CA ALA A 85 7.55 -11.42 -3.85
C ALA A 85 6.39 -11.07 -4.77
N VAL A 86 5.60 -10.07 -4.39
CA VAL A 86 4.51 -9.58 -5.22
C VAL A 86 4.90 -8.21 -5.76
N TYR A 87 4.69 -8.00 -7.06
CA TYR A 87 5.06 -6.76 -7.73
C TYR A 87 3.82 -6.07 -8.24
N TYR A 88 3.69 -4.78 -7.93
CA TYR A 88 2.58 -3.95 -8.36
C TYR A 88 3.09 -2.84 -9.27
N CYS A 89 2.40 -2.62 -10.38
CA CYS A 89 2.64 -1.42 -11.17
C CYS A 89 1.70 -0.31 -10.70
N GLN A 90 2.10 0.93 -11.00
CA GLN A 90 1.33 2.09 -10.55
C GLN A 90 1.46 3.22 -11.56
N GLN A 91 0.35 3.92 -11.78
CA GLN A 91 0.34 5.13 -12.59
C GLN A 91 -0.30 6.25 -11.78
N PHE A 92 0.08 7.48 -12.08
CA PHE A 92 -0.52 8.65 -11.47
C PHE A 92 -0.51 9.80 -12.48
N ASP A 93 -0.95 9.50 -13.70
CA ASP A 93 -0.82 10.45 -14.82
C ASP A 93 -1.87 11.55 -14.75
N LYS A 94 -3.15 11.19 -14.62
CA LYS A 94 -4.20 12.19 -14.71
C LYS A 94 -4.80 12.51 -13.34
N SER A 95 -3.98 13.04 -12.44
CA SER A 95 -4.41 13.53 -11.13
C SER A 95 -5.10 12.44 -10.30
N HIS A 96 -4.82 11.16 -10.59
CA HIS A 96 -5.36 10.08 -9.80
C HIS A 96 -4.43 8.88 -9.90
N VAL A 97 -4.42 8.07 -8.85
CA VAL A 97 -3.48 6.96 -8.70
C VAL A 97 -4.25 5.65 -8.81
N THR A 98 -3.74 4.74 -9.64
CA THR A 98 -4.27 3.37 -9.72
C THR A 98 -3.10 2.39 -9.69
N PHE A 99 -3.36 1.24 -9.09
CA PHE A 99 -2.38 0.16 -9.01
C PHE A 99 -2.83 -1.03 -9.84
N GLY A 100 -1.88 -1.87 -10.20
CA GLY A 100 -2.20 -3.16 -10.79
C GLY A 100 -2.64 -4.16 -9.75
N GLN A 101 -3.23 -5.25 -10.21
CA GLN A 101 -3.72 -6.26 -9.29
C GLN A 101 -2.59 -7.04 -8.60
N GLY A 102 -1.36 -6.94 -9.10
CA GLY A 102 -0.24 -7.62 -8.48
C GLY A 102 0.15 -8.90 -9.20
N THR A 103 1.45 -9.18 -9.22
CA THR A 103 1.99 -10.41 -9.79
C THR A 103 2.87 -11.07 -8.75
N LYS A 104 2.50 -12.27 -8.31
CA LYS A 104 3.31 -13.03 -7.36
C LYS A 104 4.36 -13.82 -8.12
N VAL A 105 5.63 -13.54 -7.81
CA VAL A 105 6.75 -14.30 -8.37
C VAL A 105 7.11 -15.36 -7.34
N GLU A 106 6.88 -16.63 -7.68
CA GLU A 106 7.06 -17.73 -6.74
C GLU A 106 8.23 -18.60 -7.14
N PHE A 107 8.83 -19.25 -6.13
CA PHE A 107 9.92 -20.19 -6.35
C PHE A 107 9.37 -21.47 -6.95
N LYS A 108 9.92 -21.88 -8.09
CA LYS A 108 9.48 -23.08 -8.79
C LYS A 108 10.42 -24.23 -8.46
N ARG A 109 9.88 -25.29 -7.87
CA ARG A 109 10.64 -26.49 -7.53
C ARG A 109 9.97 -27.70 -8.17
N THR A 110 10.56 -28.87 -7.93
CA THR A 110 9.98 -30.11 -8.44
C THR A 110 8.67 -30.42 -7.74
N VAL A 111 7.85 -31.23 -8.40
CA VAL A 111 6.55 -31.58 -7.83
C VAL A 111 6.75 -32.39 -6.56
N ALA A 112 6.01 -32.03 -5.52
CA ALA A 112 6.14 -32.65 -4.20
C ALA A 112 4.75 -33.02 -3.69
N ALA A 113 4.55 -34.29 -3.36
CA ALA A 113 3.29 -34.76 -2.82
C ALA A 113 3.13 -34.31 -1.37
N PRO A 114 1.89 -34.12 -0.91
CA PRO A 114 1.67 -33.74 0.48
C PRO A 114 1.49 -34.93 1.41
N SER A 115 1.93 -34.74 2.65
CA SER A 115 1.60 -35.66 3.73
C SER A 115 0.26 -35.23 4.33
N VAL A 116 -0.63 -36.20 4.54
CA VAL A 116 -1.97 -35.93 5.03
C VAL A 116 -2.09 -36.48 6.44
N PHE A 117 -2.60 -35.64 7.36
CA PHE A 117 -2.86 -36.02 8.73
C PHE A 117 -4.23 -35.50 9.11
N ILE A 118 -5.10 -36.39 9.56
CA ILE A 118 -6.43 -36.02 10.02
C ILE A 118 -6.46 -36.08 11.54
N PHE A 119 -7.06 -35.07 12.16
CA PHE A 119 -7.09 -34.94 13.61
C PHE A 119 -8.53 -34.94 14.10
N PRO A 120 -8.94 -35.88 14.94
CA PRO A 120 -10.27 -35.83 15.53
C PRO A 120 -10.36 -34.68 16.53
N PRO A 121 -11.57 -34.21 16.83
CA PRO A 121 -11.71 -33.13 17.82
C PRO A 121 -11.25 -33.58 19.20
N SER A 122 -10.63 -32.66 19.93
CA SER A 122 -10.13 -32.97 21.25
C SER A 122 -11.28 -33.22 22.23
N ASP A 123 -10.94 -33.85 23.36
CA ASP A 123 -11.96 -34.18 24.35
C ASP A 123 -12.47 -32.93 25.06
N GLU A 124 -11.58 -31.98 25.34
N GLU A 124 -11.59 -31.97 25.32
CA GLU A 124 -11.99 -30.75 26.00
CA GLU A 124 -12.00 -30.75 26.01
C GLU A 124 -12.89 -29.90 25.11
C GLU A 124 -12.81 -29.83 25.11
N GLN A 125 -12.69 -29.97 23.79
CA GLN A 125 -13.51 -29.17 22.88
C GLN A 125 -14.94 -29.69 22.80
N LEU A 126 -15.10 -31.01 22.73
CA LEU A 126 -16.44 -31.59 22.74
C LEU A 126 -17.18 -31.27 24.03
N LYS A 127 -16.45 -31.09 25.13
CA LYS A 127 -17.05 -30.62 26.37
C LYS A 127 -17.68 -29.24 26.18
N SER A 128 -17.05 -28.39 25.37
CA SER A 128 -17.57 -27.05 25.15
C SER A 128 -18.79 -27.04 24.23
N GLY A 129 -19.00 -28.11 23.45
CA GLY A 129 -20.19 -28.24 22.63
C GLY A 129 -19.96 -28.18 21.14
N THR A 130 -18.72 -28.05 20.67
CA THR A 130 -18.43 -28.01 19.24
CA THR A 130 -18.42 -28.00 19.24
C THR A 130 -17.38 -29.06 18.90
N ALA A 131 -17.38 -29.46 17.63
CA ALA A 131 -16.46 -30.47 17.12
C ALA A 131 -15.76 -29.93 15.88
N SER A 132 -14.44 -29.76 15.97
CA SER A 132 -13.63 -29.33 14.84
C SER A 132 -12.73 -30.48 14.41
N VAL A 133 -12.77 -30.81 13.12
CA VAL A 133 -11.93 -31.85 12.53
C VAL A 133 -10.95 -31.18 11.59
N VAL A 134 -9.66 -31.41 11.80
CA VAL A 134 -8.60 -30.73 11.07
C VAL A 134 -7.92 -31.72 10.14
N CYS A 135 -7.74 -31.33 8.88
CA CYS A 135 -7.01 -32.11 7.88
C CYS A 135 -5.78 -31.31 7.47
N LEU A 136 -4.60 -31.89 7.65
CA LEU A 136 -3.35 -31.21 7.41
C LEU A 136 -2.69 -31.74 6.14
N LEU A 137 -2.27 -30.83 5.26
CA LEU A 137 -1.50 -31.14 4.06
C LEU A 137 -0.15 -30.44 4.21
N ASN A 138 0.92 -31.21 4.36
CA ASN A 138 2.21 -30.67 4.73
C ASN A 138 3.21 -30.79 3.58
N ASN A 139 3.82 -29.65 3.22
CA ASN A 139 4.94 -29.59 2.29
C ASN A 139 4.61 -30.19 0.92
N PHE A 140 3.89 -29.43 0.10
CA PHE A 140 3.54 -29.85 -1.26
C PHE A 140 3.78 -28.71 -2.23
N TYR A 141 4.02 -29.07 -3.49
CA TYR A 141 4.17 -28.13 -4.58
C TYR A 141 3.62 -28.80 -5.84
N PRO A 142 2.83 -28.10 -6.66
CA PRO A 142 2.48 -26.68 -6.54
C PRO A 142 1.35 -26.40 -5.55
N ARG A 143 0.95 -25.12 -5.45
CA ARG A 143 -0.04 -24.71 -4.46
C ARG A 143 -1.40 -25.37 -4.70
N GLU A 144 -1.76 -25.62 -5.96
CA GLU A 144 -3.08 -26.13 -6.29
C GLU A 144 -3.32 -27.51 -5.70
N ALA A 145 -4.12 -27.57 -4.64
CA ALA A 145 -4.56 -28.82 -4.03
C ALA A 145 -6.02 -28.69 -3.64
N LYS A 146 -6.73 -29.82 -3.66
CA LYS A 146 -8.15 -29.83 -3.37
C LYS A 146 -8.43 -30.82 -2.24
N VAL A 147 -9.08 -30.34 -1.19
N VAL A 147 -9.04 -30.34 -1.17
CA VAL A 147 -9.46 -31.15 -0.03
CA VAL A 147 -9.46 -31.20 -0.08
C VAL A 147 -10.98 -31.29 -0.03
C VAL A 147 -10.97 -31.35 -0.15
N GLN A 148 -11.46 -32.48 0.34
CA GLN A 148 -12.89 -32.75 0.38
C GLN A 148 -13.19 -33.59 1.61
N TRP A 149 -14.26 -33.22 2.31
CA TRP A 149 -14.67 -33.89 3.53
C TRP A 149 -15.82 -34.87 3.26
N LYS A 150 -15.74 -36.03 3.88
CA LYS A 150 -16.78 -37.06 3.75
C LYS A 150 -17.05 -37.63 5.14
N VAL A 151 -18.31 -37.57 5.57
CA VAL A 151 -18.74 -38.25 6.79
C VAL A 151 -19.64 -39.41 6.37
N ASP A 152 -19.30 -40.61 6.83
CA ASP A 152 -19.99 -41.83 6.43
C ASP A 152 -20.13 -41.92 4.91
N ASN A 153 -19.06 -41.50 4.21
CA ASN A 153 -19.04 -41.46 2.75
C ASN A 153 -20.16 -40.58 2.19
N ALA A 154 -20.30 -39.40 2.79
CA ALA A 154 -21.24 -38.38 2.31
C ALA A 154 -20.48 -37.07 2.15
N LEU A 155 -20.46 -36.55 0.92
CA LEU A 155 -19.67 -35.36 0.63
C LEU A 155 -20.19 -34.15 1.40
N GLN A 156 -19.29 -33.44 2.07
CA GLN A 156 -19.62 -32.25 2.81
C GLN A 156 -19.47 -31.01 1.93
N SER A 157 -20.13 -29.92 2.33
CA SER A 157 -20.08 -28.68 1.58
C SER A 157 -20.58 -27.55 2.47
N GLY A 158 -19.81 -26.46 2.52
CA GLY A 158 -20.23 -25.26 3.21
C GLY A 158 -20.07 -25.26 4.72
N ASN A 159 -19.32 -26.21 5.27
CA ASN A 159 -19.09 -26.28 6.71
C ASN A 159 -17.61 -26.49 7.02
N SER A 160 -16.73 -25.95 6.18
CA SER A 160 -15.30 -26.07 6.39
C SER A 160 -14.58 -24.85 5.84
N GLN A 161 -13.38 -24.59 6.35
N GLN A 161 -13.38 -24.61 6.36
CA GLN A 161 -12.58 -23.46 5.92
CA GLN A 161 -12.55 -23.49 5.96
C GLN A 161 -11.12 -23.88 5.78
C GLN A 161 -11.15 -24.00 5.66
N GLU A 162 -10.43 -23.27 4.81
CA GLU A 162 -9.07 -23.62 4.45
C GLU A 162 -8.11 -22.50 4.79
N SER A 163 -6.83 -22.87 4.92
CA SER A 163 -5.76 -21.91 5.13
C SER A 163 -4.48 -22.48 4.53
N VAL A 164 -3.77 -21.66 3.77
CA VAL A 164 -2.55 -22.07 3.08
C VAL A 164 -1.42 -21.15 3.52
N THR A 165 -0.30 -21.74 3.94
CA THR A 165 0.85 -20.96 4.34
C THR A 165 1.53 -20.34 3.12
N GLU A 166 2.31 -19.29 3.37
CA GLU A 166 3.18 -18.75 2.34
C GLU A 166 4.24 -19.78 1.96
N GLN A 167 4.84 -19.58 0.80
CA GLN A 167 5.87 -20.51 0.33
C GLN A 167 7.04 -20.52 1.30
N ASP A 168 7.36 -21.69 1.81
CA ASP A 168 8.44 -21.81 2.80
C ASP A 168 9.79 -21.53 2.16
N SER A 169 10.61 -20.74 2.85
CA SER A 169 11.98 -20.51 2.41
C SER A 169 12.85 -21.75 2.55
N LYS A 170 12.39 -22.76 3.30
CA LYS A 170 13.16 -23.98 3.50
C LYS A 170 13.19 -24.82 2.22
N ASP A 171 12.03 -25.33 1.81
CA ASP A 171 11.92 -26.27 0.71
C ASP A 171 11.03 -25.77 -0.42
N SER A 172 10.63 -24.50 -0.39
CA SER A 172 9.80 -23.88 -1.43
C SER A 172 8.43 -24.55 -1.55
N THR A 173 7.98 -25.22 -0.50
CA THR A 173 6.71 -25.93 -0.52
C THR A 173 5.64 -25.16 0.25
N TYR A 174 4.40 -25.56 0.02
CA TYR A 174 3.24 -24.99 0.70
C TYR A 174 2.65 -26.02 1.66
N SER A 175 1.88 -25.51 2.62
CA SER A 175 1.14 -26.34 3.56
C SER A 175 -0.29 -25.84 3.65
N LEU A 176 -1.23 -26.77 3.79
CA LEU A 176 -2.65 -26.44 3.85
C LEU A 176 -3.27 -27.02 5.10
N SER A 177 -4.19 -26.27 5.70
CA SER A 177 -4.96 -26.71 6.85
C SER A 177 -6.43 -26.47 6.58
N SER A 178 -7.25 -27.51 6.70
CA SER A 178 -8.68 -27.41 6.58
C SER A 178 -9.32 -27.79 7.90
N THR A 179 -10.46 -27.16 8.21
CA THR A 179 -11.14 -27.36 9.49
C THR A 179 -12.62 -27.60 9.24
N LEU A 180 -13.07 -28.83 9.48
N LEU A 180 -13.08 -28.82 9.50
CA LEU A 180 -14.48 -29.17 9.39
CA LEU A 180 -14.49 -29.16 9.38
C LEU A 180 -15.15 -28.81 10.72
C LEU A 180 -15.18 -28.85 10.71
N THR A 181 -16.18 -27.96 10.66
CA THR A 181 -16.88 -27.50 11.85
C THR A 181 -18.23 -28.20 11.97
N LEU A 182 -18.48 -28.81 13.13
CA LEU A 182 -19.74 -29.48 13.41
C LEU A 182 -20.14 -29.21 14.85
N SER A 183 -21.44 -29.27 15.12
CA SER A 183 -21.90 -29.24 16.49
C SER A 183 -21.59 -30.57 17.17
N LYS A 184 -21.63 -30.55 18.51
CA LYS A 184 -21.36 -31.78 19.26
C LYS A 184 -22.40 -32.85 18.95
N ALA A 185 -23.67 -32.44 18.80
CA ALA A 185 -24.73 -33.41 18.55
C ALA A 185 -24.59 -34.04 17.17
N ASP A 186 -24.25 -33.24 16.16
CA ASP A 186 -24.10 -33.78 14.81
C ASP A 186 -22.86 -34.66 14.72
N TYR A 187 -21.86 -34.43 15.57
CA TYR A 187 -20.66 -35.24 15.55
C TYR A 187 -20.93 -36.65 16.08
N GLU A 188 -21.96 -36.81 16.93
CA GLU A 188 -22.29 -38.12 17.46
C GLU A 188 -23.07 -38.97 16.47
N LYS A 189 -23.90 -38.35 15.65
CA LYS A 189 -24.76 -39.07 14.70
C LYS A 189 -23.99 -39.67 13.52
N HIS A 190 -22.65 -39.71 13.53
CA HIS A 190 -21.88 -40.29 12.44
C HIS A 190 -20.67 -41.01 13.02
N LYS A 191 -20.14 -41.95 12.23
CA LYS A 191 -19.04 -42.81 12.65
C LYS A 191 -17.72 -42.45 11.99
N VAL A 192 -17.66 -42.49 10.67
CA VAL A 192 -16.41 -42.32 9.93
C VAL A 192 -16.30 -40.88 9.46
N TYR A 193 -15.12 -40.27 9.65
CA TYR A 193 -14.83 -38.92 9.19
C TYR A 193 -13.55 -38.98 8.36
N ALA A 194 -13.63 -38.52 7.12
CA ALA A 194 -12.53 -38.67 6.18
C ALA A 194 -12.31 -37.36 5.43
N CYS A 195 -11.06 -37.14 5.02
CA CYS A 195 -10.70 -35.99 4.20
CA CYS A 195 -10.67 -35.99 4.22
C CYS A 195 -9.90 -36.51 3.00
N GLU A 196 -10.49 -36.41 1.82
CA GLU A 196 -9.90 -36.92 0.59
C GLU A 196 -9.15 -35.80 -0.12
N VAL A 197 -7.89 -36.06 -0.46
CA VAL A 197 -6.98 -35.05 -0.98
C VAL A 197 -6.56 -35.42 -2.39
N THR A 198 -6.66 -34.45 -3.30
CA THR A 198 -6.21 -34.61 -4.68
CA THR A 198 -6.20 -34.61 -4.68
C THR A 198 -5.14 -33.57 -4.97
N HIS A 199 -4.01 -34.00 -5.52
CA HIS A 199 -2.91 -33.10 -5.81
C HIS A 199 -2.20 -33.59 -7.07
N GLN A 200 -1.45 -32.68 -7.70
N GLN A 200 -1.45 -32.67 -7.69
CA GLN A 200 -0.72 -33.03 -8.91
CA GLN A 200 -0.71 -33.01 -8.91
C GLN A 200 0.30 -34.14 -8.66
C GLN A 200 0.28 -34.14 -8.65
N GLY A 201 0.88 -34.18 -7.46
CA GLY A 201 1.86 -35.19 -7.13
C GLY A 201 1.28 -36.44 -6.50
N LEU A 202 0.04 -36.77 -6.84
CA LEU A 202 -0.63 -37.96 -6.32
C LEU A 202 -1.24 -38.73 -7.47
N SER A 203 -0.92 -40.02 -7.55
CA SER A 203 -1.48 -40.87 -8.61
C SER A 203 -2.97 -41.05 -8.48
N SER A 204 -3.53 -40.87 -7.28
CA SER A 204 -4.96 -41.04 -7.04
C SER A 204 -5.31 -40.29 -5.76
N PRO A 205 -6.59 -39.97 -5.56
CA PRO A 205 -6.99 -39.26 -4.33
C PRO A 205 -6.64 -40.05 -3.08
N VAL A 206 -5.82 -39.44 -2.23
CA VAL A 206 -5.41 -40.03 -0.96
C VAL A 206 -6.46 -39.69 0.10
N THR A 207 -6.88 -40.70 0.86
CA THR A 207 -7.91 -40.55 1.87
C THR A 207 -7.37 -40.94 3.24
N LYS A 208 -7.49 -40.02 4.20
CA LYS A 208 -7.16 -40.28 5.60
C LYS A 208 -8.44 -40.15 6.42
N SER A 209 -8.71 -41.13 7.27
CA SER A 209 -9.96 -41.16 8.01
C SER A 209 -9.72 -41.67 9.43
N PHE A 210 -10.77 -41.58 10.25
CA PHE A 210 -10.77 -42.13 11.59
C PHE A 210 -12.18 -42.51 11.97
N ASN A 211 -12.30 -43.42 12.94
CA ASN A 211 -13.58 -43.85 13.47
C ASN A 211 -13.81 -43.22 14.83
N ARG A 212 -14.97 -42.59 14.99
CA ARG A 212 -15.33 -41.95 16.25
C ARG A 212 -15.65 -42.98 17.33
N GLN B 1 16.87 8.51 5.12
CA GLN B 1 16.68 9.94 5.29
C GLN B 1 15.42 10.24 6.09
N VAL B 2 14.26 9.92 5.51
CA VAL B 2 12.96 10.21 6.11
C VAL B 2 12.39 8.95 6.71
N GLN B 3 11.76 9.09 7.89
CA GLN B 3 11.02 8.01 8.51
C GLN B 3 9.57 8.44 8.70
N LEU B 4 8.64 7.54 8.41
CA LEU B 4 7.22 7.76 8.65
C LEU B 4 6.77 6.80 9.75
N MET B 5 6.32 7.36 10.86
CA MET B 5 5.83 6.58 12.00
C MET B 5 4.33 6.80 12.12
N GLN B 6 3.57 5.71 12.02
CA GLN B 6 2.12 5.78 12.10
C GLN B 6 1.64 5.33 13.47
N SER B 7 0.35 5.57 13.73
CA SER B 7 -0.26 5.17 14.99
C SER B 7 -0.51 3.66 15.00
N GLY B 8 -0.90 3.17 16.18
CA GLY B 8 -1.07 1.75 16.38
C GLY B 8 -2.34 1.21 15.76
N ALA B 9 -2.50 -0.12 15.90
CA ALA B 9 -3.67 -0.78 15.35
C ALA B 9 -4.94 -0.30 16.05
N GLU B 10 -6.06 -0.37 15.33
CA GLU B 10 -7.33 0.09 15.86
C GLU B 10 -8.42 -0.92 15.54
N VAL B 11 -9.37 -1.06 16.48
CA VAL B 11 -10.54 -1.91 16.31
C VAL B 11 -11.76 -1.03 16.47
N LYS B 12 -12.63 -1.02 15.46
CA LYS B 12 -13.78 -0.14 15.45
C LYS B 12 -15.03 -0.91 15.03
N ARG B 13 -16.17 -0.41 15.49
CA ARG B 13 -17.46 -0.97 15.11
C ARG B 13 -17.92 -0.38 13.78
N PRO B 14 -18.73 -1.11 13.02
CA PRO B 14 -19.27 -0.55 11.77
C PRO B 14 -20.09 0.71 12.04
N GLY B 15 -19.90 1.71 11.19
CA GLY B 15 -20.56 2.99 11.34
C GLY B 15 -19.78 4.02 12.11
N SER B 16 -18.68 3.64 12.76
CA SER B 16 -17.88 4.58 13.54
C SER B 16 -16.82 5.20 12.63
N SER B 17 -15.80 5.83 13.22
CA SER B 17 -14.78 6.54 12.47
C SER B 17 -13.40 6.15 12.95
N VAL B 18 -12.41 6.38 12.09
CA VAL B 18 -11.01 6.07 12.35
C VAL B 18 -10.17 7.28 11.94
N LYS B 19 -9.30 7.72 12.84
CA LYS B 19 -8.34 8.77 12.51
C LYS B 19 -6.93 8.20 12.69
N VAL B 20 -6.29 7.86 11.57
CA VAL B 20 -4.92 7.38 11.57
C VAL B 20 -3.98 8.58 11.39
N SER B 21 -2.97 8.66 12.24
CA SER B 21 -1.96 9.71 12.15
C SER B 21 -0.66 9.14 11.61
N CYS B 22 0.26 10.04 11.25
CA CYS B 22 1.51 9.64 10.62
C CYS B 22 2.51 10.78 10.82
N LYS B 23 3.52 10.56 11.66
CA LYS B 23 4.50 11.59 11.95
C LYS B 23 5.73 11.41 11.05
N SER B 24 6.17 12.51 10.46
CA SER B 24 7.31 12.51 9.55
C SER B 24 8.60 12.72 10.35
N SER B 25 9.73 12.59 9.65
CA SER B 25 11.03 12.71 10.29
C SER B 25 11.95 13.65 9.50
N GLY B 26 13.24 13.34 9.49
CA GLY B 26 14.24 14.19 8.84
C GLY B 26 13.96 14.41 7.37
N GLY B 27 13.79 15.67 6.99
CA GLY B 27 13.42 16.02 5.63
C GLY B 27 12.27 17.00 5.60
N SER B 28 12.15 17.76 4.51
CA SER B 28 11.12 18.78 4.42
C SER B 28 9.74 18.14 4.46
N PHE B 29 8.91 18.58 5.41
CA PHE B 29 7.59 17.99 5.59
C PHE B 29 6.58 18.56 4.60
N SER B 30 6.61 19.87 4.37
CA SER B 30 5.60 20.53 3.56
C SER B 30 5.89 20.51 2.07
N ASP B 31 7.15 20.35 1.67
CA ASP B 31 7.51 20.44 0.25
C ASP B 31 7.14 19.22 -0.55
N TYR B 32 6.80 18.10 0.09
CA TYR B 32 6.60 16.84 -0.62
C TYR B 32 5.24 16.25 -0.26
N THR B 33 4.65 15.55 -1.22
CA THR B 33 3.30 15.04 -1.09
C THR B 33 3.25 13.82 -0.18
N LEU B 34 2.22 13.77 0.67
CA LEU B 34 1.95 12.63 1.52
C LEU B 34 0.71 11.92 1.01
N SER B 35 0.81 10.60 0.82
CA SER B 35 -0.28 9.80 0.28
C SER B 35 -0.69 8.73 1.28
N TRP B 36 -1.94 8.29 1.16
CA TRP B 36 -2.49 7.20 1.97
C TRP B 36 -2.95 6.09 1.04
N VAL B 37 -2.42 4.89 1.25
CA VAL B 37 -2.76 3.72 0.45
C VAL B 37 -3.11 2.59 1.41
N ARG B 38 -4.23 1.92 1.16
CA ARG B 38 -4.66 0.82 2.01
C ARG B 38 -4.61 -0.50 1.25
N GLN B 39 -4.66 -1.59 2.01
CA GLN B 39 -4.54 -2.93 1.44
C GLN B 39 -5.37 -3.88 2.29
N ALA B 40 -6.45 -4.40 1.71
CA ALA B 40 -7.26 -5.38 2.41
C ALA B 40 -6.47 -6.68 2.58
N PRO B 41 -6.78 -7.47 3.61
CA PRO B 41 -6.05 -8.74 3.81
C PRO B 41 -6.20 -9.66 2.62
N GLY B 42 -5.08 -9.94 1.95
CA GLY B 42 -5.05 -10.80 0.80
C GLY B 42 -5.33 -10.14 -0.53
N GLN B 43 -5.43 -8.82 -0.57
CA GLN B 43 -5.77 -8.09 -1.79
C GLN B 43 -4.67 -7.07 -2.11
N GLY B 44 -4.97 -6.18 -3.06
CA GLY B 44 -4.00 -5.25 -3.58
C GLY B 44 -4.07 -3.88 -2.94
N LEU B 45 -3.40 -2.92 -3.59
CA LEU B 45 -3.27 -1.58 -3.06
C LEU B 45 -4.34 -0.67 -3.63
N GLN B 46 -4.89 0.21 -2.79
CA GLN B 46 -5.91 1.16 -3.20
C GLN B 46 -5.54 2.54 -2.68
N TRP B 47 -5.38 3.49 -3.60
CA TRP B 47 -5.09 4.87 -3.22
C TRP B 47 -6.32 5.53 -2.62
N MET B 48 -6.10 6.35 -1.59
CA MET B 48 -7.18 7.05 -0.91
C MET B 48 -7.09 8.56 -1.08
N GLY B 49 -5.91 9.14 -0.97
CA GLY B 49 -5.76 10.57 -1.18
C GLY B 49 -4.34 11.00 -0.94
N SER B 50 -4.02 12.18 -1.46
CA SER B 50 -2.71 12.80 -1.31
C SER B 50 -2.88 14.23 -0.82
N ILE B 51 -1.84 14.76 -0.19
CA ILE B 51 -1.87 16.11 0.34
C ILE B 51 -0.49 16.73 0.21
N VAL B 52 -0.46 18.01 -0.15
CA VAL B 52 0.75 18.84 -0.15
C VAL B 52 0.60 19.83 0.99
N PRO B 53 1.35 19.67 2.09
CA PRO B 53 1.10 20.52 3.28
C PRO B 53 1.44 21.98 3.06
N LEU B 54 2.46 22.29 2.25
CA LEU B 54 2.88 23.68 2.10
C LEU B 54 1.73 24.55 1.59
N LEU B 55 0.98 24.06 0.61
CA LEU B 55 -0.15 24.78 0.06
C LEU B 55 -1.49 24.30 0.62
N ASN B 56 -1.47 23.27 1.48
CA ASN B 56 -2.68 22.65 2.01
C ASN B 56 -3.62 22.25 0.87
N LEU B 57 -3.06 21.57 -0.12
CA LEU B 57 -3.80 21.06 -1.26
C LEU B 57 -3.98 19.56 -1.10
N VAL B 58 -5.22 19.10 -1.11
CA VAL B 58 -5.53 17.69 -0.95
C VAL B 58 -6.27 17.19 -2.18
N ASN B 59 -5.87 16.02 -2.66
CA ASN B 59 -6.49 15.37 -3.82
C ASN B 59 -6.99 13.99 -3.38
N TYR B 60 -8.27 13.73 -3.58
CA TYR B 60 -8.92 12.52 -3.09
C TYR B 60 -9.25 11.56 -4.23
N ALA B 61 -9.28 10.28 -3.89
CA ALA B 61 -9.85 9.28 -4.77
C ALA B 61 -11.37 9.44 -4.75
N GLN B 62 -11.94 9.86 -5.87
CA GLN B 62 -13.35 10.25 -5.91
C GLN B 62 -14.29 9.10 -5.58
N ARG B 63 -13.80 7.87 -5.50
CA ARG B 63 -14.65 6.73 -5.20
C ARG B 63 -15.13 6.73 -3.75
N PHE B 64 -14.45 7.45 -2.86
CA PHE B 64 -14.86 7.50 -1.47
C PHE B 64 -15.98 8.51 -1.22
N GLN B 65 -16.14 9.50 -2.09
CA GLN B 65 -17.28 10.42 -2.07
C GLN B 65 -17.44 11.13 -0.73
N GLY B 66 -16.33 11.60 -0.17
CA GLY B 66 -16.37 12.38 1.04
C GLY B 66 -16.16 11.60 2.33
N ARG B 67 -16.14 10.26 2.26
CA ARG B 67 -15.89 9.47 3.45
C ARG B 67 -14.49 9.66 4.02
N VAL B 68 -13.57 10.25 3.26
CA VAL B 68 -12.18 10.41 3.67
C VAL B 68 -11.87 11.89 3.85
N THR B 69 -11.15 12.21 4.93
CA THR B 69 -10.66 13.56 5.17
C THR B 69 -9.18 13.46 5.51
N ILE B 70 -8.34 14.15 4.75
CA ILE B 70 -6.89 14.12 4.95
C ILE B 70 -6.44 15.51 5.34
N THR B 71 -5.83 15.63 6.52
CA THR B 71 -5.30 16.89 7.02
C THR B 71 -3.82 16.73 7.36
N ALA B 72 -3.14 17.87 7.44
CA ALA B 72 -1.72 17.91 7.76
C ALA B 72 -1.48 18.99 8.80
N ASP B 73 -0.81 18.63 9.89
CA ASP B 73 -0.44 19.57 10.95
C ASP B 73 1.03 19.91 10.74
N LYS B 74 1.27 21.09 10.16
CA LYS B 74 2.64 21.46 9.79
C LYS B 74 3.52 21.71 11.01
N SER B 75 2.93 22.12 12.13
CA SER B 75 3.72 22.45 13.31
C SER B 75 4.37 21.20 13.91
N THR B 76 3.67 20.07 13.89
CA THR B 76 4.19 18.83 14.43
C THR B 76 4.54 17.82 13.34
N SER B 77 4.48 18.23 12.07
CA SER B 77 4.87 17.38 10.93
C SER B 77 4.10 16.06 10.93
N THR B 78 2.79 16.14 11.16
CA THR B 78 1.93 14.97 11.25
C THR B 78 0.78 15.10 10.26
N ALA B 79 0.55 14.05 9.48
CA ALA B 79 -0.58 13.95 8.59
C ALA B 79 -1.65 13.05 9.21
N TYR B 80 -2.91 13.36 8.92
CA TYR B 80 -4.04 12.64 9.50
C TYR B 80 -4.94 12.09 8.40
N MET B 81 -5.51 10.92 8.68
CA MET B 81 -6.43 10.24 7.78
C MET B 81 -7.67 9.86 8.56
N GLU B 82 -8.82 10.42 8.18
CA GLU B 82 -10.09 10.14 8.85
C GLU B 82 -11.02 9.45 7.87
N LEU B 83 -11.44 8.24 8.23
CA LEU B 83 -12.38 7.45 7.43
C LEU B 83 -13.63 7.22 8.26
N ARG B 84 -14.75 7.80 7.81
CA ARG B 84 -15.99 7.80 8.58
C ARG B 84 -16.97 6.75 8.03
N THR B 85 -18.02 6.51 8.80
CA THR B 85 -19.07 5.54 8.48
C THR B 85 -18.48 4.23 7.97
N LEU B 86 -17.72 3.58 8.84
CA LEU B 86 -16.94 2.42 8.46
C LEU B 86 -17.83 1.22 8.16
N ARG B 87 -17.42 0.43 7.18
CA ARG B 87 -18.05 -0.83 6.82
C ARG B 87 -17.09 -1.97 7.12
N PRO B 88 -17.60 -3.19 7.29
CA PRO B 88 -16.69 -4.33 7.51
C PRO B 88 -15.64 -4.49 6.42
N GLN B 89 -15.99 -4.14 5.18
CA GLN B 89 -15.06 -4.25 4.06
C GLN B 89 -13.95 -3.20 4.10
N ASP B 90 -14.02 -2.24 5.02
CA ASP B 90 -12.95 -1.29 5.22
C ASP B 90 -11.80 -1.87 6.05
N THR B 91 -11.92 -3.13 6.50
CA THR B 91 -10.84 -3.78 7.23
C THR B 91 -9.64 -3.95 6.32
N ALA B 92 -8.53 -3.29 6.66
CA ALA B 92 -7.36 -3.28 5.81
C ALA B 92 -6.18 -2.72 6.61
N VAL B 93 -5.01 -2.77 5.99
CA VAL B 93 -3.81 -2.13 6.49
C VAL B 93 -3.65 -0.79 5.78
N TYR B 94 -3.61 0.30 6.54
CA TYR B 94 -3.55 1.65 6.00
C TYR B 94 -2.12 2.16 6.07
N TYR B 95 -1.54 2.45 4.90
CA TYR B 95 -0.14 2.84 4.79
C TYR B 95 -0.01 4.34 4.60
N CYS B 96 0.95 4.93 5.30
CA CYS B 96 1.39 6.30 5.07
C CYS B 96 2.61 6.26 4.17
N ALA B 97 2.63 7.11 3.15
CA ALA B 97 3.71 7.09 2.19
C ALA B 97 4.08 8.51 1.78
N ARG B 98 5.39 8.75 1.66
CA ARG B 98 5.94 10.01 1.21
C ARG B 98 6.58 9.82 -0.16
N GLU B 99 6.39 10.79 -1.05
CA GLU B 99 6.95 10.67 -2.39
C GLU B 99 8.47 10.74 -2.35
N GLY B 100 9.11 9.99 -3.25
CA GLY B 100 10.55 9.94 -3.29
C GLY B 100 11.15 11.24 -3.82
N ALA B 101 12.45 11.40 -3.53
CA ALA B 101 13.16 12.61 -3.92
C ALA B 101 14.57 12.26 -4.36
N GLU B 102 15.01 12.82 -5.48
CA GLU B 102 16.37 12.65 -5.97
C GLU B 102 17.26 13.67 -5.30
N GLY B 103 18.20 13.20 -4.50
CA GLY B 103 19.15 14.05 -3.82
C GLY B 103 18.86 14.15 -2.34
N TRP B 104 19.31 15.26 -1.76
CA TRP B 104 19.26 15.47 -0.31
C TRP B 104 18.88 16.91 -0.03
N GLY B 105 18.41 17.14 1.19
CA GLY B 105 18.22 18.49 1.67
C GLY B 105 17.05 19.22 1.03
N TRP B 106 17.14 20.55 1.07
CA TRP B 106 16.06 21.40 0.58
C TRP B 106 15.90 21.34 -0.93
N PHE B 107 16.96 20.97 -1.67
CA PHE B 107 16.91 20.91 -3.12
C PHE B 107 16.71 19.50 -3.65
N ALA B 108 16.12 18.62 -2.85
CA ALA B 108 15.81 17.28 -3.32
C ALA B 108 14.67 17.34 -4.33
N LYS B 109 14.91 16.84 -5.54
CA LYS B 109 13.92 16.91 -6.60
C LYS B 109 12.81 15.91 -6.36
N PRO B 110 11.55 16.35 -6.25
CA PRO B 110 10.45 15.39 -6.10
C PRO B 110 10.38 14.46 -7.30
N VAL B 111 9.87 13.26 -7.06
CA VAL B 111 9.95 12.18 -8.03
C VAL B 111 8.55 11.72 -8.42
N GLY B 112 7.61 11.82 -7.48
CA GLY B 112 6.24 11.44 -7.76
C GLY B 112 5.87 10.11 -7.14
N ALA B 113 6.64 9.07 -7.45
CA ALA B 113 6.39 7.76 -6.87
C ALA B 113 6.65 7.78 -5.36
N LEU B 114 6.11 6.78 -4.67
CA LEU B 114 6.19 6.70 -3.22
C LEU B 114 7.47 5.97 -2.83
N GLY B 115 8.47 6.73 -2.37
CA GLY B 115 9.75 6.16 -2.01
C GLY B 115 9.91 5.85 -0.54
N VAL B 116 9.16 6.56 0.31
CA VAL B 116 9.22 6.39 1.76
C VAL B 116 7.85 5.93 2.23
N TRP B 117 7.82 4.82 2.95
CA TRP B 117 6.57 4.22 3.43
C TRP B 117 6.57 4.14 4.94
N GLY B 118 5.37 4.24 5.52
CA GLY B 118 5.18 3.95 6.93
C GLY B 118 4.99 2.46 7.16
N GLN B 119 5.07 2.07 8.44
CA GLN B 119 4.97 0.66 8.77
C GLN B 119 3.56 0.12 8.58
N GLY B 120 2.56 0.99 8.51
CA GLY B 120 1.20 0.54 8.30
C GLY B 120 0.43 0.43 9.60
N THR B 121 -0.87 0.68 9.51
CA THR B 121 -1.77 0.63 10.65
C THR B 121 -2.91 -0.34 10.34
N THR B 122 -3.04 -1.39 11.16
CA THR B 122 -4.14 -2.33 10.98
C THR B 122 -5.42 -1.75 11.56
N VAL B 123 -6.46 -1.71 10.74
CA VAL B 123 -7.78 -1.26 11.16
C VAL B 123 -8.77 -2.39 10.93
N THR B 124 -9.35 -2.89 12.01
CA THR B 124 -10.34 -3.97 11.95
C THR B 124 -11.71 -3.39 12.26
N VAL B 125 -12.64 -3.57 11.34
CA VAL B 125 -14.01 -3.08 11.50
C VAL B 125 -14.91 -4.30 11.66
N SER B 126 -15.51 -4.43 12.84
CA SER B 126 -16.35 -5.58 13.15
C SER B 126 -17.20 -5.26 14.38
N SER B 127 -18.31 -5.97 14.49
CA SER B 127 -19.18 -5.87 15.66
C SER B 127 -18.74 -6.77 16.81
N ALA B 128 -17.75 -7.63 16.58
CA ALA B 128 -17.30 -8.55 17.61
C ALA B 128 -16.51 -7.81 18.68
N SER B 129 -16.60 -8.31 19.90
CA SER B 129 -15.86 -7.76 21.04
C SER B 129 -14.65 -8.63 21.35
N THR B 130 -13.72 -8.06 22.12
CA THR B 130 -12.47 -8.75 22.41
C THR B 130 -12.73 -10.06 23.16
N LYS B 131 -12.09 -11.12 22.69
CA LYS B 131 -12.23 -12.44 23.31
C LYS B 131 -10.91 -13.18 23.21
N GLY B 132 -10.44 -13.70 24.33
CA GLY B 132 -9.25 -14.52 24.35
C GLY B 132 -9.52 -15.88 23.75
N PRO B 133 -8.49 -16.52 23.21
CA PRO B 133 -8.69 -17.81 22.56
C PRO B 133 -8.63 -18.97 23.54
N SER B 134 -9.36 -20.03 23.18
CA SER B 134 -9.21 -21.33 23.81
C SER B 134 -8.36 -22.21 22.91
N VAL B 135 -7.46 -22.98 23.52
CA VAL B 135 -6.46 -23.75 22.79
C VAL B 135 -6.74 -25.23 22.99
N PHE B 136 -6.93 -25.94 21.88
CA PHE B 136 -7.18 -27.37 21.89
C PHE B 136 -6.03 -28.11 21.21
N PRO B 137 -5.59 -29.24 21.76
CA PRO B 137 -4.46 -29.96 21.17
C PRO B 137 -4.89 -30.80 19.98
N LEU B 138 -4.00 -30.86 18.98
CA LEU B 138 -4.15 -31.77 17.85
C LEU B 138 -3.21 -32.94 18.11
N ALA B 139 -3.71 -33.94 18.82
CA ALA B 139 -2.87 -35.05 19.24
C ALA B 139 -2.39 -35.86 18.03
N PRO B 140 -1.15 -36.38 18.07
CA PRO B 140 -0.59 -37.17 16.96
C PRO B 140 -1.28 -38.52 16.81
N GLY B 148 9.78 -43.30 11.15
CA GLY B 148 8.88 -42.46 10.38
C GLY B 148 8.68 -41.09 10.99
N THR B 149 7.71 -40.34 10.45
CA THR B 149 7.43 -38.98 10.89
C THR B 149 5.96 -38.84 11.24
N ALA B 150 5.68 -38.03 12.26
CA ALA B 150 4.33 -37.79 12.74
C ALA B 150 4.09 -36.28 12.84
N ALA B 151 2.82 -35.91 12.98
CA ALA B 151 2.42 -34.52 13.06
C ALA B 151 1.54 -34.28 14.28
N LEU B 152 1.69 -33.11 14.88
CA LEU B 152 0.86 -32.69 16.01
C LEU B 152 0.73 -31.18 15.96
N GLY B 153 -0.14 -30.64 16.81
CA GLY B 153 -0.31 -29.20 16.84
C GLY B 153 -1.38 -28.78 17.82
N CYS B 154 -1.71 -27.48 17.78
CA CYS B 154 -2.72 -26.89 18.63
CA CYS B 154 -2.71 -26.88 18.63
C CYS B 154 -3.67 -26.06 17.78
N LEU B 155 -4.95 -26.09 18.15
CA LEU B 155 -5.98 -25.34 17.46
C LEU B 155 -6.36 -24.12 18.30
N VAL B 156 -6.14 -22.94 17.75
CA VAL B 156 -6.40 -21.68 18.46
C VAL B 156 -7.71 -21.14 17.91
N LYS B 157 -8.80 -21.45 18.59
CA LYS B 157 -10.15 -21.24 18.07
C LYS B 157 -10.87 -20.14 18.84
N ASP B 158 -11.66 -19.36 18.10
CA ASP B 158 -12.56 -18.35 18.66
C ASP B 158 -11.83 -17.26 19.44
N TYR B 159 -11.24 -16.30 18.73
CA TYR B 159 -10.62 -15.15 19.35
C TYR B 159 -10.82 -13.92 18.49
N PHE B 160 -10.73 -12.74 19.13
CA PHE B 160 -10.86 -11.47 18.44
C PHE B 160 -10.21 -10.39 19.29
N PRO B 161 -9.44 -9.47 18.69
CA PRO B 161 -9.14 -9.47 17.26
C PRO B 161 -7.81 -10.16 16.93
N GLU B 162 -7.36 -9.99 15.70
CA GLU B 162 -6.01 -10.39 15.34
C GLU B 162 -5.00 -9.45 16.00
N PRO B 163 -3.75 -9.90 16.19
CA PRO B 163 -3.21 -11.21 15.86
C PRO B 163 -2.96 -12.13 17.06
N VAL B 164 -2.60 -13.37 16.76
CA VAL B 164 -2.18 -14.34 17.76
C VAL B 164 -0.79 -14.84 17.36
N THR B 165 0.14 -14.80 18.31
CA THR B 165 1.49 -15.31 18.10
C THR B 165 1.60 -16.69 18.75
N VAL B 166 2.09 -17.66 17.99
CA VAL B 166 2.23 -19.04 18.44
C VAL B 166 3.69 -19.44 18.32
N SER B 167 4.23 -20.03 19.39
CA SER B 167 5.56 -20.62 19.39
C SER B 167 5.45 -22.05 19.91
N TRP B 168 6.58 -22.76 19.90
CA TRP B 168 6.63 -24.14 20.37
C TRP B 168 7.82 -24.34 21.27
N ASN B 169 7.58 -24.87 22.47
CA ASN B 169 8.61 -25.08 23.48
C ASN B 169 9.37 -23.78 23.77
N SER B 170 8.61 -22.68 23.89
CA SER B 170 9.17 -21.36 24.18
C SER B 170 10.21 -20.94 23.14
N GLY B 171 9.93 -21.24 21.88
CA GLY B 171 10.82 -20.89 20.79
C GLY B 171 11.95 -21.86 20.54
N ALA B 172 12.12 -22.89 21.38
CA ALA B 172 13.19 -23.86 21.19
C ALA B 172 12.89 -24.86 20.08
N LEU B 173 11.73 -24.75 19.43
CA LEU B 173 11.32 -25.68 18.37
C LEU B 173 10.83 -24.85 17.18
N THR B 174 11.66 -24.76 16.14
CA THR B 174 11.33 -23.99 14.95
C THR B 174 11.42 -24.81 13.66
N SER B 175 11.91 -26.04 13.72
CA SER B 175 12.04 -26.88 12.53
CA SER B 175 12.04 -26.88 12.53
C SER B 175 10.74 -27.65 12.34
N GLY B 176 10.12 -27.48 11.18
CA GLY B 176 8.88 -28.17 10.87
C GLY B 176 7.62 -27.51 11.39
N VAL B 177 7.72 -26.34 12.03
CA VAL B 177 6.54 -25.65 12.52
C VAL B 177 5.88 -24.91 11.37
N HIS B 178 4.55 -24.91 11.35
CA HIS B 178 3.78 -24.22 10.32
C HIS B 178 2.55 -23.62 11.01
N THR B 179 2.60 -22.31 11.26
CA THR B 179 1.43 -21.60 11.77
C THR B 179 0.66 -21.05 10.57
N PHE B 180 -0.56 -21.48 10.43
CA PHE B 180 -1.35 -21.11 9.27
C PHE B 180 -2.05 -19.77 9.49
N PRO B 181 -2.29 -19.03 8.41
CA PRO B 181 -3.08 -17.80 8.53
C PRO B 181 -4.46 -18.08 9.08
N ALA B 182 -4.94 -17.16 9.92
CA ALA B 182 -6.22 -17.35 10.58
C ALA B 182 -7.36 -17.26 9.57
N VAL B 183 -8.47 -17.95 9.88
CA VAL B 183 -9.69 -17.87 9.11
C VAL B 183 -10.72 -17.10 9.92
N LEU B 184 -11.53 -16.30 9.24
CA LEU B 184 -12.62 -15.58 9.88
C LEU B 184 -13.87 -16.46 9.86
N GLN B 185 -14.35 -16.81 11.05
CA GLN B 185 -15.51 -17.67 11.17
C GLN B 185 -16.80 -16.86 11.05
N SER B 186 -17.90 -17.58 10.82
CA SER B 186 -19.20 -16.92 10.65
C SER B 186 -19.64 -16.17 11.89
N SER B 187 -19.12 -16.54 13.06
CA SER B 187 -19.47 -15.87 14.31
C SER B 187 -18.75 -14.54 14.48
N GLY B 188 -17.83 -14.19 13.58
CA GLY B 188 -17.01 -13.01 13.74
C GLY B 188 -15.71 -13.24 14.47
N LEU B 189 -15.47 -14.45 14.97
CA LEU B 189 -14.26 -14.79 15.69
C LEU B 189 -13.27 -15.47 14.74
N TYR B 190 -11.99 -15.28 15.02
CA TYR B 190 -10.94 -15.88 14.21
C TYR B 190 -10.56 -17.25 14.75
N SER B 191 -9.88 -18.01 13.90
CA SER B 191 -9.37 -19.33 14.28
CA SER B 191 -9.37 -19.34 14.27
C SER B 191 -8.16 -19.66 13.43
N LEU B 192 -7.13 -20.23 14.05
CA LEU B 192 -5.92 -20.61 13.35
C LEU B 192 -5.47 -21.97 13.85
N SER B 193 -4.54 -22.57 13.09
CA SER B 193 -3.94 -23.83 13.46
CA SER B 193 -3.94 -23.83 13.45
C SER B 193 -2.42 -23.69 13.40
N SER B 194 -1.75 -24.36 14.33
CA SER B 194 -0.29 -24.38 14.37
C SER B 194 0.14 -25.83 14.51
N VAL B 195 0.79 -26.36 13.48
CA VAL B 195 1.21 -27.76 13.47
C VAL B 195 2.73 -27.82 13.39
N VAL B 196 3.26 -28.99 13.75
CA VAL B 196 4.69 -29.26 13.65
C VAL B 196 4.87 -30.73 13.35
N THR B 197 5.71 -31.02 12.36
CA THR B 197 6.05 -32.40 12.02
C THR B 197 7.30 -32.81 12.81
N VAL B 198 7.19 -33.92 13.52
CA VAL B 198 8.27 -34.41 14.38
C VAL B 198 8.45 -35.91 14.13
N PRO B 199 9.61 -36.46 14.47
CA PRO B 199 9.79 -37.92 14.36
C PRO B 199 8.83 -38.66 15.27
N SER B 200 8.28 -39.76 14.74
CA SER B 200 7.36 -40.57 15.53
C SER B 200 8.06 -41.19 16.74
N SER B 201 9.36 -41.44 16.64
CA SER B 201 10.11 -42.04 17.73
C SER B 201 10.27 -41.10 18.93
N SER B 202 9.91 -39.83 18.79
CA SER B 202 10.04 -38.86 19.87
C SER B 202 8.74 -38.63 20.62
N LEU B 203 7.63 -39.24 20.19
CA LEU B 203 6.33 -38.93 20.77
C LEU B 203 6.26 -39.28 22.25
N GLY B 204 6.82 -40.43 22.63
CA GLY B 204 6.70 -40.88 24.00
C GLY B 204 7.66 -40.28 24.99
N THR B 205 8.68 -39.54 24.52
CA THR B 205 9.73 -39.07 25.40
C THR B 205 10.12 -37.61 25.21
N GLN B 206 9.56 -36.91 24.22
CA GLN B 206 9.87 -35.51 23.97
C GLN B 206 8.63 -34.67 24.24
N THR B 207 8.78 -33.68 25.12
CA THR B 207 7.66 -32.80 25.47
C THR B 207 7.45 -31.76 24.38
N TYR B 208 6.19 -31.56 23.99
CA TYR B 208 5.82 -30.55 23.01
C TYR B 208 4.76 -29.64 23.63
N ILE B 209 5.08 -28.36 23.74
CA ILE B 209 4.20 -27.37 24.36
C ILE B 209 4.00 -26.23 23.38
N CYS B 210 2.74 -25.89 23.11
CA CYS B 210 2.39 -24.82 22.19
CA CYS B 210 2.38 -24.82 22.19
C CYS B 210 2.06 -23.57 23.01
N ASN B 211 2.82 -22.50 22.77
CA ASN B 211 2.68 -21.25 23.52
C ASN B 211 1.87 -20.27 22.67
N VAL B 212 0.68 -19.92 23.15
CA VAL B 212 -0.21 -18.98 22.49
C VAL B 212 -0.27 -17.71 23.31
N ASN B 213 0.02 -16.58 22.66
CA ASN B 213 -0.07 -15.26 23.29
C ASN B 213 -1.00 -14.39 22.48
N HIS B 214 -2.05 -13.88 23.11
CA HIS B 214 -3.01 -12.98 22.50
C HIS B 214 -2.92 -11.65 23.22
N LYS B 215 -2.11 -10.74 22.68
CA LYS B 215 -1.88 -9.46 23.34
C LYS B 215 -3.13 -8.60 23.51
N PRO B 216 -4.08 -8.55 22.57
CA PRO B 216 -5.28 -7.71 22.80
C PRO B 216 -6.03 -8.04 24.09
N SER B 217 -6.17 -9.33 24.42
CA SER B 217 -6.87 -9.74 25.63
C SER B 217 -5.91 -10.12 26.75
N ASN B 218 -4.61 -9.92 26.55
CA ASN B 218 -3.58 -10.27 27.55
C ASN B 218 -3.67 -11.74 27.96
N THR B 219 -4.03 -12.60 27.01
CA THR B 219 -4.21 -14.02 27.26
C THR B 219 -2.96 -14.78 26.81
N LYS B 220 -2.41 -15.60 27.70
CA LYS B 220 -1.26 -16.44 27.40
C LYS B 220 -1.60 -17.86 27.82
N VAL B 221 -1.63 -18.77 26.85
CA VAL B 221 -2.04 -20.15 27.07
C VAL B 221 -0.89 -21.07 26.67
N ASP B 222 -0.54 -21.99 27.56
CA ASP B 222 0.42 -23.06 27.29
C ASP B 222 -0.34 -24.38 27.32
N LYS B 223 -0.33 -25.09 26.19
CA LYS B 223 -1.04 -26.36 26.07
C LYS B 223 -0.05 -27.46 25.70
N LYS B 224 0.16 -28.40 26.62
CA LYS B 224 1.00 -29.55 26.34
C LYS B 224 0.26 -30.53 25.44
N VAL B 225 0.96 -31.04 24.42
CA VAL B 225 0.37 -31.93 23.43
C VAL B 225 0.96 -33.31 23.62
N GLU B 226 0.09 -34.29 23.82
CA GLU B 226 0.47 -35.67 24.06
C GLU B 226 -0.43 -36.59 23.26
N PRO B 227 0.04 -37.79 22.91
CA PRO B 227 -0.85 -38.74 22.24
C PRO B 227 -1.94 -39.24 23.18
N LYS B 228 -3.14 -39.39 22.63
CA LYS B 228 -4.28 -39.83 23.42
C LYS B 228 -4.15 -41.29 23.85
N GLY C 2 7.63 18.41 -20.96
CA GLY C 2 8.08 19.76 -21.18
C GLY C 2 7.13 20.81 -20.63
N ILE C 3 7.44 22.08 -20.90
CA ILE C 3 6.62 23.18 -20.42
C ILE C 3 6.93 24.40 -21.29
N HIS C 4 5.88 25.14 -21.67
CA HIS C 4 6.01 26.26 -22.59
C HIS C 4 6.27 27.56 -21.82
N PHE C 5 7.28 28.31 -22.27
CA PHE C 5 7.64 29.58 -21.64
C PHE C 5 8.07 30.53 -22.75
N ARG C 6 7.13 31.36 -23.21
CA ARG C 6 7.38 32.31 -24.28
C ARG C 6 7.81 33.66 -23.70
N ARG C 7 8.26 34.54 -24.58
N ARG C 7 8.28 34.55 -24.58
CA ARG C 7 8.75 35.84 -24.15
CA ARG C 7 8.75 35.85 -24.12
C ARG C 7 7.63 36.70 -23.60
C ARG C 7 7.62 36.69 -23.56
N HIS C 8 6.45 36.62 -24.18
CA HIS C 8 5.30 37.41 -23.74
C HIS C 8 4.66 36.86 -22.47
N TYR C 9 5.18 35.78 -21.89
CA TYR C 9 4.68 35.27 -20.63
C TYR C 9 5.25 36.03 -19.43
N VAL C 10 6.18 36.95 -19.66
CA VAL C 10 6.71 37.84 -18.62
C VAL C 10 6.15 39.23 -18.87
N ARG C 11 5.73 39.90 -17.78
CA ARG C 11 5.08 41.19 -17.92
C ARG C 11 5.20 41.97 -16.62
N HIS C 12 5.56 43.25 -16.74
CA HIS C 12 5.51 44.15 -15.60
C HIS C 12 4.10 44.69 -15.43
N LEU C 13 3.65 44.77 -14.19
CA LEU C 13 2.31 45.26 -13.93
C LEU C 13 2.36 46.64 -13.28
N PRO C 14 1.43 47.53 -13.65
CA PRO C 14 1.43 48.89 -13.10
C PRO C 14 0.93 48.90 -11.66
N LYS C 15 0.97 50.08 -11.07
CA LYS C 15 0.47 50.27 -9.71
C LYS C 15 -1.05 50.26 -9.69
N GLU C 16 -1.60 50.23 -8.48
CA GLU C 16 -3.05 50.31 -8.25
C GLU C 16 -3.81 49.18 -8.93
N VAL C 17 -3.17 48.02 -9.07
CA VAL C 17 -3.81 46.84 -9.66
C VAL C 17 -4.36 45.97 -8.55
N SER C 18 -5.55 45.41 -8.76
CA SER C 18 -6.16 44.53 -7.78
C SER C 18 -5.66 43.11 -7.96
N GLN C 19 -5.99 42.25 -6.98
CA GLN C 19 -5.59 40.86 -7.06
C GLN C 19 -6.25 40.15 -8.24
N ASN C 20 -7.49 40.51 -8.56
CA ASN C 20 -8.15 39.91 -9.72
C ASN C 20 -7.56 40.41 -11.02
N ASP C 21 -7.25 41.71 -11.10
CA ASP C 21 -6.62 42.25 -12.31
C ASP C 21 -5.25 41.63 -12.54
N ILE C 22 -4.53 41.32 -11.46
CA ILE C 22 -3.25 40.63 -11.59
C ILE C 22 -3.45 39.26 -12.23
N ILE C 23 -4.42 38.51 -11.73
CA ILE C 23 -4.68 37.16 -12.24
C ILE C 23 -5.19 37.21 -13.67
N LYS C 24 -6.07 38.18 -13.97
CA LYS C 24 -6.57 38.32 -15.33
C LYS C 24 -5.47 38.70 -16.30
N ALA C 25 -4.53 39.54 -15.86
CA ALA C 25 -3.46 39.98 -16.75
C ALA C 25 -2.47 38.87 -17.03
N LEU C 26 -2.14 38.06 -16.01
CA LEU C 26 -1.20 36.96 -16.19
C LEU C 26 -1.81 35.76 -16.89
N ALA C 27 -3.12 35.75 -17.10
CA ALA C 27 -3.77 34.67 -17.82
C ALA C 27 -4.03 34.98 -19.28
N SER C 28 -3.99 36.27 -19.66
CA SER C 28 -4.24 36.64 -21.06
C SER C 28 -3.28 35.98 -22.04
N PRO C 29 -1.96 35.94 -21.81
CA PRO C 29 -1.10 35.25 -22.79
C PRO C 29 -1.40 33.76 -22.89
N LEU C 30 -1.72 33.11 -21.78
CA LEU C 30 -2.02 31.67 -21.81
C LEU C 30 -3.33 31.41 -22.54
N ILE C 31 -4.33 32.28 -22.36
CA ILE C 31 -5.60 32.12 -23.07
C ILE C 31 -5.42 32.37 -24.56
N ASN C 32 -4.63 33.38 -24.92
N ASN C 32 -4.63 33.38 -24.92
CA ASN C 32 -4.43 33.72 -26.33
CA ASN C 32 -4.44 33.72 -26.33
C ASN C 32 -3.59 32.68 -27.06
C ASN C 32 -3.54 32.73 -27.06
N ASP C 33 -2.82 31.87 -26.35
CA ASP C 33 -1.97 30.87 -26.96
C ASP C 33 -2.59 29.47 -26.93
N GLY C 34 -3.78 29.32 -26.38
CA GLY C 34 -4.41 28.02 -26.29
C GLY C 34 -3.88 27.12 -25.19
N MET C 35 -3.12 27.68 -24.23
CA MET C 35 -2.58 26.86 -23.16
C MET C 35 -3.64 26.47 -22.13
N VAL C 36 -4.73 27.25 -22.04
CA VAL C 36 -5.76 27.05 -21.02
C VAL C 36 -7.12 27.32 -21.64
N VAL C 37 -8.17 27.05 -20.85
CA VAL C 37 -9.52 27.37 -21.29
C VAL C 37 -9.76 28.88 -21.18
N SER C 38 -10.79 29.35 -21.88
CA SER C 38 -11.13 30.77 -21.85
C SER C 38 -11.53 31.22 -20.45
N ASP C 39 -12.10 30.31 -19.65
CA ASP C 39 -12.54 30.62 -18.29
C ASP C 39 -11.43 30.46 -17.26
N PHE C 40 -10.18 30.35 -17.70
CA PHE C 40 -9.07 30.06 -16.78
C PHE C 40 -8.89 31.16 -15.74
N ALA C 41 -9.25 32.40 -16.09
CA ALA C 41 -9.06 33.51 -15.15
C ALA C 41 -9.98 33.38 -13.94
N ASP C 42 -11.27 33.08 -14.18
CA ASP C 42 -12.22 32.99 -13.08
C ASP C 42 -11.96 31.76 -12.21
N HIS C 43 -11.45 30.68 -12.80
CA HIS C 43 -11.17 29.47 -12.01
C HIS C 43 -9.99 29.68 -11.09
N VAL C 44 -8.99 30.46 -11.51
CA VAL C 44 -7.87 30.76 -10.63
C VAL C 44 -8.30 31.72 -9.53
N ILE C 45 -9.13 32.71 -9.88
CA ILE C 45 -9.67 33.62 -8.88
C ILE C 45 -10.49 32.84 -7.85
N THR C 46 -11.25 31.85 -8.31
CA THR C 46 -12.09 31.07 -7.40
C THR C 46 -11.22 30.23 -6.45
N ARG C 47 -10.10 29.70 -6.94
CA ARG C 47 -9.24 28.90 -6.08
C ARG C 47 -8.51 29.79 -5.07
N GLU C 48 -7.94 30.90 -5.53
CA GLU C 48 -7.19 31.78 -4.64
C GLU C 48 -8.06 32.29 -3.49
N GLN C 49 -9.37 32.38 -3.70
CA GLN C 49 -10.25 32.90 -2.65
C GLN C 49 -10.39 31.90 -1.50
N ASN C 50 -10.43 30.60 -1.81
CA ASN C 50 -10.56 29.58 -0.77
C ASN C 50 -9.33 28.71 -0.61
N PHE C 51 -8.33 28.83 -1.48
CA PHE C 51 -7.04 28.16 -1.31
C PHE C 51 -5.95 29.15 -1.72
N PRO C 52 -5.60 30.07 -0.83
CA PRO C 52 -4.60 31.09 -1.16
C PRO C 52 -3.23 30.48 -1.39
N THR C 53 -2.38 31.24 -2.08
CA THR C 53 -1.06 30.78 -2.49
C THR C 53 0.00 31.85 -2.24
N GLY C 54 -0.03 32.43 -1.04
CA GLY C 54 0.97 33.41 -0.66
C GLY C 54 2.14 32.73 0.04
N LEU C 55 3.36 33.05 -0.41
CA LEU C 55 4.57 32.46 0.13
C LEU C 55 5.46 33.56 0.71
N PRO C 56 5.76 33.53 2.01
CA PRO C 56 6.55 34.60 2.64
C PRO C 56 8.04 34.42 2.43
N VAL C 57 8.47 34.48 1.17
CA VAL C 57 9.88 34.34 0.84
C VAL C 57 10.66 35.51 1.42
N GLU C 58 11.88 35.24 1.88
CA GLU C 58 12.63 36.24 2.64
C GLU C 58 12.94 37.50 1.84
N PRO C 59 13.48 37.44 0.60
CA PRO C 59 13.70 38.68 -0.15
C PRO C 59 12.41 39.43 -0.42
N VAL C 60 11.67 39.00 -1.43
CA VAL C 60 10.39 39.61 -1.77
C VAL C 60 9.31 38.52 -1.77
N GLY C 61 8.07 38.96 -1.57
CA GLY C 61 6.96 38.01 -1.49
C GLY C 61 6.65 37.40 -2.84
N VAL C 62 6.37 36.11 -2.83
CA VAL C 62 6.06 35.35 -4.04
C VAL C 62 4.67 34.74 -3.89
N ALA C 63 3.91 34.75 -4.99
CA ALA C 63 2.59 34.14 -5.03
C ALA C 63 2.52 33.18 -6.21
N ILE C 64 1.79 32.09 -6.03
CA ILE C 64 1.68 31.05 -7.05
C ILE C 64 0.22 30.70 -7.32
N PRO C 65 -0.56 31.58 -7.94
CA PRO C 65 -1.96 31.25 -8.23
C PRO C 65 -2.06 30.21 -9.33
N HIS C 66 -2.94 29.23 -9.12
CA HIS C 66 -3.16 28.17 -10.08
C HIS C 66 -4.59 27.65 -9.91
N THR C 67 -4.92 26.61 -10.68
CA THR C 67 -6.21 25.95 -10.57
C THR C 67 -6.03 24.48 -10.94
N ASP C 68 -7.15 23.75 -10.96
CA ASP C 68 -7.10 22.32 -11.23
C ASP C 68 -6.67 22.05 -12.68
N SER C 69 -6.27 20.81 -12.94
CA SER C 69 -5.61 20.50 -14.19
C SER C 69 -6.58 20.43 -15.36
N LYS C 70 -7.87 20.16 -15.08
CA LYS C 70 -8.83 19.94 -16.16
C LYS C 70 -9.07 21.20 -16.99
N TYR C 71 -8.71 22.37 -16.49
CA TYR C 71 -8.82 23.61 -17.24
C TYR C 71 -7.53 24.01 -17.93
N VAL C 72 -6.55 23.09 -18.02
CA VAL C 72 -5.25 23.37 -18.59
C VAL C 72 -5.03 22.46 -19.79
N ARG C 73 -4.64 23.06 -20.92
CA ARG C 73 -4.34 22.30 -22.12
C ARG C 73 -2.88 21.87 -22.19
N GLN C 74 -1.96 22.80 -21.94
CA GLN C 74 -0.53 22.53 -22.03
C GLN C 74 0.19 23.22 -20.87
N ASN C 75 1.31 22.61 -20.46
CA ASN C 75 2.05 23.13 -19.32
C ASN C 75 2.72 24.46 -19.68
N ALA C 76 2.55 25.46 -18.80
CA ALA C 76 3.14 26.76 -19.03
C ALA C 76 3.17 27.52 -17.71
N ILE C 77 4.04 28.53 -17.65
CA ILE C 77 4.13 29.43 -16.49
C ILE C 77 4.08 30.86 -16.99
N SER C 78 3.40 31.71 -16.22
CA SER C 78 3.29 33.14 -16.51
C SER C 78 3.83 33.92 -15.32
N VAL C 79 4.77 34.81 -15.60
CA VAL C 79 5.48 35.57 -14.56
C VAL C 79 5.03 37.02 -14.63
N GLY C 80 4.67 37.58 -13.46
CA GLY C 80 4.28 38.96 -13.37
C GLY C 80 5.01 39.70 -12.26
N ILE C 81 5.70 40.78 -12.62
CA ILE C 81 6.42 41.61 -11.67
C ILE C 81 5.54 42.81 -11.32
N LEU C 82 5.23 42.97 -10.04
CA LEU C 82 4.38 44.05 -9.58
C LEU C 82 5.20 45.29 -9.28
N ALA C 83 4.59 46.46 -9.51
CA ALA C 83 5.26 47.72 -9.20
C ALA C 83 5.20 48.03 -7.71
N GLU C 84 4.09 47.71 -7.07
CA GLU C 84 3.90 47.87 -5.63
C GLU C 84 3.54 46.53 -5.01
N PRO C 85 3.82 46.35 -3.72
CA PRO C 85 3.43 45.09 -3.06
C PRO C 85 1.92 44.93 -3.01
N VAL C 86 1.44 43.77 -3.46
CA VAL C 86 0.03 43.42 -3.43
C VAL C 86 -0.14 42.21 -2.54
N ASN C 87 -1.05 42.32 -1.57
CA ASN C 87 -1.23 41.27 -0.58
C ASN C 87 -1.87 40.04 -1.21
N PHE C 88 -1.26 38.87 -0.96
CA PHE C 88 -1.88 37.58 -1.19
C PHE C 88 -1.92 36.86 0.15
N GLU C 89 -3.12 36.42 0.54
CA GLU C 89 -3.27 35.80 1.86
C GLU C 89 -2.40 34.56 1.96
N ASP C 90 -1.91 34.31 3.18
CA ASP C 90 -0.85 33.34 3.40
C ASP C 90 -1.35 31.92 3.16
N ALA C 91 -0.63 31.18 2.31
CA ALA C 91 -0.94 29.76 2.10
C ALA C 91 -0.57 28.91 3.31
N GLY C 92 0.26 29.44 4.22
CA GLY C 92 0.62 28.66 5.39
C GLY C 92 -0.53 28.53 6.36
N GLY C 93 -1.18 29.65 6.69
CA GLY C 93 -2.28 29.64 7.64
C GLY C 93 -2.19 30.77 8.64
N GLU C 94 -1.23 31.66 8.45
CA GLU C 94 -1.07 32.79 9.34
C GLU C 94 -2.20 33.78 9.14
N PRO C 95 -2.67 34.45 10.20
CA PRO C 95 -3.81 35.36 10.06
C PRO C 95 -3.51 36.61 9.25
N ASP C 96 -2.26 36.87 8.90
CA ASP C 96 -1.86 38.06 8.15
C ASP C 96 -1.27 37.66 6.80
N PRO C 97 -1.40 38.52 5.78
CA PRO C 97 -1.05 38.08 4.42
C PRO C 97 0.42 38.25 4.09
N VAL C 98 0.76 38.02 2.83
CA VAL C 98 2.12 38.10 2.34
C VAL C 98 2.19 39.24 1.32
N PRO C 99 2.90 40.34 1.61
CA PRO C 99 3.12 41.36 0.60
C PRO C 99 3.95 40.82 -0.56
N VAL C 100 3.33 40.62 -1.71
CA VAL C 100 3.92 39.93 -2.85
C VAL C 100 4.32 40.94 -3.91
N ARG C 101 5.51 40.75 -4.50
CA ARG C 101 5.94 41.51 -5.65
C ARG C 101 6.24 40.66 -6.88
N VAL C 102 6.27 39.33 -6.74
CA VAL C 102 6.54 38.42 -7.85
C VAL C 102 5.45 37.36 -7.86
N VAL C 103 4.81 37.17 -9.01
CA VAL C 103 3.68 36.26 -9.15
C VAL C 103 3.99 35.24 -10.25
N PHE C 104 3.85 33.96 -9.92
CA PHE C 104 4.03 32.87 -10.86
C PHE C 104 2.69 32.17 -11.07
N MET C 105 2.10 32.38 -12.24
CA MET C 105 0.84 31.72 -12.59
C MET C 105 1.16 30.36 -13.20
N LEU C 106 0.78 29.30 -12.51
CA LEU C 106 1.09 27.93 -12.92
C LEU C 106 -0.10 27.30 -13.61
N ALA C 107 0.15 26.62 -14.74
CA ALA C 107 -0.87 25.87 -15.48
C ALA C 107 -0.27 24.50 -15.80
N LEU C 108 -0.30 23.61 -14.81
CA LEU C 108 0.18 22.25 -14.98
C LEU C 108 -0.98 21.30 -15.27
N GLY C 109 -0.68 20.24 -16.00
CA GLY C 109 -1.68 19.27 -16.41
C GLY C 109 -1.87 18.09 -15.49
N ASN C 110 -1.07 17.97 -14.43
CA ASN C 110 -1.19 16.87 -13.49
C ASN C 110 -1.01 17.37 -12.07
N TRP C 111 -1.97 17.04 -11.20
CA TRP C 111 -1.91 17.49 -9.81
C TRP C 111 -0.64 17.01 -9.12
N PHE C 112 -0.12 15.85 -9.49
CA PHE C 112 1.03 15.28 -8.82
C PHE C 112 2.35 15.91 -9.28
N ASP C 113 2.31 16.83 -10.24
CA ASP C 113 3.48 17.60 -10.62
C ASP C 113 3.61 18.89 -9.82
N ILE C 114 2.63 19.21 -8.97
CA ILE C 114 2.66 20.45 -8.20
C ILE C 114 3.94 20.52 -7.36
N THR C 115 4.25 19.43 -6.65
CA THR C 115 5.44 19.39 -5.82
C THR C 115 6.71 19.57 -6.65
N LYS C 116 6.68 19.18 -7.92
CA LYS C 116 7.83 19.33 -8.79
C LYS C 116 7.97 20.76 -9.29
N TRP C 117 6.87 21.50 -9.40
CA TRP C 117 6.93 22.88 -9.86
C TRP C 117 7.29 23.84 -8.74
N LEU C 118 6.90 23.53 -7.50
CA LEU C 118 7.42 24.28 -6.36
C LEU C 118 8.92 24.15 -6.27
N TRP C 119 9.47 23.05 -6.79
CA TRP C 119 10.91 22.83 -6.79
C TRP C 119 11.62 23.66 -7.84
N TYR C 120 10.96 23.91 -8.98
CA TYR C 120 11.54 24.82 -9.97
C TYR C 120 11.63 26.23 -9.43
N ILE C 121 10.59 26.68 -8.71
CA ILE C 121 10.61 28.02 -8.14
C ILE C 121 11.64 28.11 -7.03
N LYS C 122 11.98 27.00 -6.38
CA LYS C 122 13.09 27.00 -5.43
C LYS C 122 14.39 27.40 -6.09
N ALA C 123 14.58 27.05 -7.37
CA ALA C 123 15.81 27.40 -8.06
C ALA C 123 15.88 28.88 -8.40
N VAL C 124 14.72 29.53 -8.58
CA VAL C 124 14.68 30.97 -8.79
C VAL C 124 14.71 31.72 -7.47
N ILE C 125 13.96 31.23 -6.48
CA ILE C 125 13.89 31.88 -5.18
C ILE C 125 15.23 31.82 -4.45
N GLN C 126 16.03 30.79 -4.71
CA GLN C 126 17.23 30.54 -3.92
C GLN C 126 18.17 31.73 -3.91
N ASP C 127 18.38 32.36 -5.05
CA ASP C 127 19.32 33.48 -5.15
C ASP C 127 18.64 34.74 -4.63
N GLU C 128 19.12 35.24 -3.48
CA GLU C 128 18.59 36.48 -2.93
C GLU C 128 18.85 37.66 -3.86
N ASP C 129 20.07 37.74 -4.38
CA ASP C 129 20.44 38.85 -5.25
C ASP C 129 19.64 38.84 -6.55
N PHE C 130 19.26 37.66 -7.03
CA PHE C 130 18.47 37.58 -8.26
C PHE C 130 17.05 38.06 -8.05
N MET C 131 16.47 37.77 -6.88
CA MET C 131 15.14 38.27 -6.58
C MET C 131 15.11 39.79 -6.55
N GLN C 132 16.20 40.40 -6.05
CA GLN C 132 16.31 41.85 -6.08
C GLN C 132 16.40 42.38 -7.50
N GLN C 133 17.12 41.67 -8.37
CA GLN C 133 17.26 42.12 -9.75
C GLN C 133 15.95 42.00 -10.53
N LEU C 134 15.06 41.11 -10.12
CA LEU C 134 13.78 40.96 -10.82
C LEU C 134 12.96 42.24 -10.76
N LEU C 135 13.08 43.01 -9.68
CA LEU C 135 12.30 44.24 -9.52
C LEU C 135 12.91 45.39 -10.29
N VAL C 136 14.17 45.31 -10.69
CA VAL C 136 14.82 46.37 -11.43
C VAL C 136 15.00 46.03 -12.91
N MET C 137 15.09 44.75 -13.27
CA MET C 137 15.28 44.39 -14.67
C MET C 137 14.04 44.76 -15.49
N ASN C 138 14.24 44.85 -16.82
CA ASN C 138 13.16 45.09 -17.76
C ASN C 138 12.55 43.75 -18.19
N ASP C 139 11.63 43.79 -19.16
CA ASP C 139 10.86 42.60 -19.51
C ASP C 139 11.77 41.52 -20.10
N ASP C 140 12.50 41.85 -21.17
N ASP C 140 12.50 41.84 -21.17
CA ASP C 140 13.33 40.85 -21.84
CA ASP C 140 13.33 40.83 -21.83
C ASP C 140 14.47 40.37 -20.94
C ASP C 140 14.51 40.40 -20.98
N GLU C 141 14.95 41.22 -20.03
CA GLU C 141 16.00 40.79 -19.11
C GLU C 141 15.49 39.73 -18.16
N ILE C 142 14.26 39.90 -17.66
CA ILE C 142 13.68 38.91 -16.75
C ILE C 142 13.43 37.60 -17.48
N TYR C 143 13.04 37.67 -18.75
CA TYR C 143 12.75 36.45 -19.49
C TYR C 143 14.01 35.61 -19.70
N GLN C 144 15.10 36.25 -20.14
CA GLN C 144 16.32 35.50 -20.41
C GLN C 144 16.87 34.85 -19.15
N SER C 145 16.85 35.58 -18.04
N SER C 145 16.84 35.58 -18.04
CA SER C 145 17.38 35.04 -16.79
CA SER C 145 17.39 35.04 -16.79
C SER C 145 16.54 33.89 -16.28
C SER C 145 16.54 33.89 -16.26
N ILE C 146 15.21 34.03 -16.32
CA ILE C 146 14.33 32.98 -15.83
C ILE C 146 14.38 31.77 -16.76
N TYR C 147 14.41 32.01 -18.07
CA TYR C 147 14.46 30.90 -19.02
C TYR C 147 15.66 30.01 -18.79
N THR C 148 16.85 30.60 -18.72
CA THR C 148 18.06 29.81 -18.58
C THR C 148 18.15 29.15 -17.20
N ARG C 149 17.66 29.84 -16.16
CA ARG C 149 17.72 29.29 -14.81
C ARG C 149 16.85 28.04 -14.69
N ILE C 150 15.66 28.06 -15.30
CA ILE C 150 14.81 26.88 -15.29
C ILE C 150 15.17 25.90 -16.39
N SER C 151 15.86 26.37 -17.43
CA SER C 151 16.29 25.47 -18.50
C SER C 151 17.36 24.48 -18.04
N GLU C 152 18.05 24.77 -16.94
CA GLU C 152 19.12 23.90 -16.46
C GLU C 152 18.62 22.50 -16.09
N LEU C 153 17.30 22.29 -16.05
CA LEU C 153 16.77 20.97 -15.75
C LEU C 153 15.65 20.58 -16.71
N GLU C 154 14.46 21.14 -16.55
CA GLU C 154 13.35 20.73 -17.40
C GLU C 154 13.43 21.39 -18.77
N VAL C 155 12.83 20.72 -19.76
CA VAL C 155 12.73 21.26 -21.10
C VAL C 155 11.75 22.42 -21.12
N LEU C 156 12.10 23.49 -21.82
CA LEU C 156 11.26 24.67 -21.94
C LEU C 156 10.81 24.86 -23.39
N PHE C 157 9.88 25.79 -23.58
CA PHE C 157 9.32 26.12 -24.89
C PHE C 157 8.80 24.89 -25.62
#